data_6JD4
#
_entry.id   6JD4
#
_cell.length_a   61.220
_cell.length_b   77.314
_cell.length_c   106.011
_cell.angle_alpha   90.000
_cell.angle_beta   90.000
_cell.angle_gamma   90.000
#
_symmetry.space_group_name_H-M   'P 21 21 21'
#
loop_
_entity.id
_entity.type
_entity.pdbx_description
1 polymer 'ESX-1 secretion system protein EccCb1'
2 non-polymer 'MAGNESIUM ION'
3 non-polymer "ADENOSINE-5'-TRIPHOSPHATE"
4 water water
#
_entity_poly.entity_id   1
_entity_poly.type   'polypeptide(L)'
_entity_poly.pdbx_seq_one_letter_code
;GPGSTEQAPPVRVLPERIHLHELDPNPPGPESDYRTRWEIPIGLRETDLTPAHCHMHTNPHLLIFGAAKSGKTTIAHAIA
RAICARNSPQQVRFMLADYRSGLLDAVPDTHLLGAGAINRNSASLDEAVQALAVNLKKRLPPTDLTTAQLRSRSWWSGFD
VVLLVDDWHMIVGAAGGMPPMAPLAPLLPAAADIGLHIIVTCQMSQAYKATMDKFVGAAFGSGAPTMFLSGEKQEFPSSE
FKVKRRPPGQAFLVSPDGKEVIQAPYIEPPEEVFAAPPSAG
;
_entity_poly.pdbx_strand_id   A,B
#
# COMPACT_ATOMS: atom_id res chain seq x y z
N ALA A 8 2.24 40.73 -27.08
CA ALA A 8 2.58 39.32 -27.00
C ALA A 8 3.51 39.05 -25.82
N PRO A 9 2.99 38.42 -24.78
CA PRO A 9 3.73 38.31 -23.51
C PRO A 9 4.97 37.44 -23.65
N PRO A 10 6.06 37.80 -23.00
CA PRO A 10 7.27 36.98 -23.05
C PRO A 10 7.07 35.62 -22.39
N VAL A 11 7.60 34.58 -23.03
CA VAL A 11 7.51 33.23 -22.51
C VAL A 11 8.53 33.05 -21.40
N ARG A 12 8.10 32.46 -20.29
CA ARG A 12 9.02 31.95 -19.29
C ARG A 12 8.44 30.63 -18.78
N VAL A 13 9.25 29.58 -18.86
CA VAL A 13 8.83 28.23 -18.47
C VAL A 13 9.69 27.79 -17.30
N LEU A 14 9.27 26.69 -16.68
CA LEU A 14 10.04 26.06 -15.62
C LEU A 14 11.43 25.71 -16.13
N PRO A 15 12.49 26.30 -15.59
CA PRO A 15 13.84 25.97 -16.06
C PRO A 15 14.16 24.51 -15.78
N GLU A 16 15.01 23.93 -16.62
CA GLU A 16 15.37 22.52 -16.50
C GLU A 16 16.41 22.26 -15.42
N ARG A 17 17.02 23.30 -14.86
CA ARG A 17 17.99 23.14 -13.78
C ARG A 17 17.90 24.33 -12.85
N ILE A 18 17.57 24.09 -11.59
CA ILE A 18 17.58 25.11 -10.56
C ILE A 18 18.50 24.65 -9.44
N HIS A 19 19.51 25.45 -9.13
CA HIS A 19 20.43 25.11 -8.06
C HIS A 19 19.77 25.30 -6.70
N LEU A 20 20.26 24.56 -5.72
CA LEU A 20 19.71 24.67 -4.36
C LEU A 20 19.80 26.09 -3.84
N HIS A 21 20.87 26.81 -4.20
CA HIS A 21 21.00 28.18 -3.72
C HIS A 21 19.99 29.12 -4.38
N GLU A 22 19.57 28.81 -5.61
CA GLU A 22 18.49 29.59 -6.21
C GLU A 22 17.17 29.31 -5.52
N LEU A 23 16.90 28.03 -5.25
CA LEU A 23 15.68 27.66 -4.54
C LEU A 23 15.68 28.16 -3.11
N ASP A 24 16.87 28.26 -2.50
CA ASP A 24 17.00 28.50 -1.06
C ASP A 24 18.06 29.56 -0.80
N PRO A 25 17.85 30.80 -1.27
CA PRO A 25 18.88 31.82 -1.08
C PRO A 25 18.95 32.39 0.33
N ASN A 26 17.89 32.24 1.13
CA ASN A 26 17.81 32.91 2.43
C ASN A 26 17.45 31.95 3.56
N PRO A 27 18.13 30.81 3.67
CA PRO A 27 17.71 29.79 4.65
C PRO A 27 17.78 30.34 6.07
N PRO A 28 16.73 30.18 6.86
CA PRO A 28 16.83 30.47 8.28
C PRO A 28 17.72 29.45 8.97
N GLY A 29 18.20 29.81 10.16
CA GLY A 29 19.22 29.02 10.80
C GLY A 29 18.76 28.32 12.06
N PRO A 30 19.70 27.63 12.72
CA PRO A 30 19.36 26.94 13.99
C PRO A 30 18.78 27.85 15.05
N GLU A 31 18.97 29.17 14.92
CA GLU A 31 18.42 30.11 15.91
C GLU A 31 16.90 30.14 15.91
N SER A 32 16.27 29.69 14.83
CA SER A 32 14.83 29.86 14.65
C SER A 32 14.05 28.82 15.44
N ASP A 33 12.72 28.94 15.42
CA ASP A 33 11.87 27.98 16.12
C ASP A 33 11.67 26.73 15.26
N TYR A 34 11.07 25.71 15.87
CA TYR A 34 10.94 24.41 15.22
C TYR A 34 10.20 24.53 13.89
N ARG A 35 9.11 25.29 13.87
CA ARG A 35 8.30 25.40 12.66
C ARG A 35 9.11 25.95 11.50
N THR A 36 9.88 27.03 11.75
CA THR A 36 10.69 27.62 10.70
C THR A 36 11.80 26.67 10.26
N ARG A 37 12.36 25.91 11.18
CA ARG A 37 13.46 25.01 10.85
C ARG A 37 13.02 23.83 9.99
N TRP A 38 11.73 23.50 9.98
CA TRP A 38 11.25 22.34 9.24
C TRP A 38 10.25 22.72 8.15
N GLU A 39 10.26 23.98 7.73
CA GLU A 39 9.56 24.42 6.52
C GLU A 39 10.60 24.37 5.40
N ILE A 40 10.68 23.22 4.73
CA ILE A 40 11.80 22.89 3.86
C ILE A 40 11.37 23.16 2.41
N PRO A 41 12.07 24.02 1.68
CA PRO A 41 11.81 24.15 0.25
C PRO A 41 12.29 22.91 -0.50
N ILE A 42 11.44 22.39 -1.38
CA ILE A 42 11.75 21.15 -2.10
C ILE A 42 11.69 21.32 -3.61
N GLY A 43 11.34 22.49 -4.11
CA GLY A 43 11.30 22.67 -5.54
C GLY A 43 10.60 23.96 -5.91
N LEU A 44 10.77 24.33 -7.17
CA LEU A 44 10.21 25.54 -7.73
C LEU A 44 8.94 25.21 -8.50
N ARG A 45 7.85 25.89 -8.16
CA ARG A 45 6.56 25.62 -8.79
C ARG A 45 6.54 26.10 -10.24
N GLU A 46 5.88 25.33 -11.11
CA GLU A 46 5.74 25.74 -12.50
C GLU A 46 4.82 26.95 -12.64
N THR A 47 3.87 27.12 -11.72
CA THR A 47 2.88 28.18 -11.86
C THR A 47 3.48 29.57 -11.60
N ASP A 48 4.51 29.66 -10.77
CA ASP A 48 5.00 30.98 -10.38
C ASP A 48 6.49 31.06 -10.13
N LEU A 49 7.28 30.00 -10.40
CA LEU A 49 8.72 30.00 -10.12
C LEU A 49 8.99 30.36 -8.67
N THR A 50 8.15 29.84 -7.77
CA THR A 50 8.19 30.12 -6.34
C THR A 50 8.26 28.80 -5.58
N PRO A 51 9.02 28.73 -4.50
CA PRO A 51 9.23 27.44 -3.82
C PRO A 51 7.95 26.83 -3.28
N ALA A 52 7.78 25.54 -3.53
CA ALA A 52 6.88 24.70 -2.75
C ALA A 52 7.67 24.12 -1.58
N HIS A 53 6.96 23.79 -0.51
CA HIS A 53 7.62 23.39 0.74
C HIS A 53 7.11 22.05 1.22
N CYS A 54 7.99 21.33 1.90
CA CYS A 54 7.60 20.22 2.77
C CYS A 54 7.38 20.79 4.18
N HIS A 55 6.13 20.72 4.65
CA HIS A 55 5.81 21.18 6.00
C HIS A 55 6.14 20.07 6.99
N MET A 56 7.44 19.80 7.11
CA MET A 56 7.92 18.69 7.91
C MET A 56 7.70 18.89 9.40
N HIS A 57 7.32 20.10 9.82
CA HIS A 57 6.86 20.29 11.19
C HIS A 57 5.52 19.62 11.45
N THR A 58 4.79 19.26 10.39
CA THR A 58 3.46 18.68 10.51
C THR A 58 3.37 17.32 9.82
N ASN A 59 3.66 17.25 8.52
CA ASN A 59 3.82 15.97 7.85
C ASN A 59 5.31 15.67 7.77
N PRO A 60 5.82 14.66 8.48
CA PRO A 60 7.27 14.53 8.66
C PRO A 60 8.04 14.00 7.46
N HIS A 61 7.39 13.42 6.45
CA HIS A 61 8.10 12.62 5.47
C HIS A 61 8.09 13.25 4.07
N LEU A 62 8.87 12.63 3.20
CA LEU A 62 8.94 13.00 1.78
C LEU A 62 9.32 11.77 0.98
N LEU A 63 8.57 11.50 -0.09
CA LEU A 63 8.82 10.37 -0.97
C LEU A 63 9.19 10.85 -2.35
N ILE A 64 10.19 10.21 -2.96
CA ILE A 64 10.72 10.62 -4.26
C ILE A 64 10.74 9.40 -5.16
N PHE A 65 9.87 9.38 -6.17
CA PHE A 65 9.80 8.29 -7.13
C PHE A 65 10.33 8.76 -8.48
N GLY A 66 11.09 7.90 -9.15
CA GLY A 66 11.64 8.29 -10.44
C GLY A 66 12.33 7.19 -11.21
N ALA A 67 12.27 7.27 -12.54
CA ALA A 67 12.95 6.31 -13.40
C ALA A 67 14.46 6.56 -13.38
N ALA A 68 15.19 5.77 -14.16
CA ALA A 68 16.64 5.85 -14.18
C ALA A 68 17.11 7.25 -14.58
N LYS A 69 18.05 7.78 -13.81
CA LYS A 69 18.69 9.07 -14.11
C LYS A 69 17.67 10.20 -14.18
N SER A 70 16.67 10.16 -13.31
CA SER A 70 15.68 11.23 -13.22
C SER A 70 15.99 12.24 -12.13
N GLY A 71 17.07 12.03 -11.37
CA GLY A 71 17.51 12.98 -10.38
C GLY A 71 17.31 12.58 -8.93
N LYS A 72 16.95 11.32 -8.66
CA LYS A 72 16.60 10.91 -7.29
C LYS A 72 17.73 11.21 -6.30
N THR A 73 18.94 10.75 -6.61
CA THR A 73 20.04 10.89 -5.67
C THR A 73 20.40 12.34 -5.43
N THR A 74 20.48 13.15 -6.50
CA THR A 74 20.86 14.54 -6.36
C THR A 74 19.84 15.32 -5.55
N ILE A 75 18.55 15.07 -5.78
CA ILE A 75 17.51 15.78 -5.05
C ILE A 75 17.59 15.47 -3.56
N ALA A 76 17.77 14.19 -3.21
CA ALA A 76 17.93 13.81 -1.81
C ALA A 76 19.12 14.52 -1.18
N HIS A 77 20.24 14.56 -1.92
CA HIS A 77 21.41 15.33 -1.52
C HIS A 77 21.03 16.78 -1.23
N ALA A 78 20.33 17.42 -2.19
CA ALA A 78 20.03 18.84 -2.05
C ALA A 78 19.09 19.11 -0.88
N ILE A 79 18.10 18.25 -0.67
CA ILE A 79 17.14 18.48 0.40
C ILE A 79 17.78 18.25 1.77
N ALA A 80 18.68 17.26 1.89
CA ALA A 80 19.43 17.11 3.13
C ALA A 80 20.22 18.37 3.45
N ARG A 81 20.79 19.01 2.43
CA ARG A 81 21.53 20.25 2.64
C ARG A 81 20.61 21.37 3.15
N ALA A 82 19.42 21.50 2.56
CA ALA A 82 18.49 22.54 3.01
C ALA A 82 18.08 22.29 4.45
N ILE A 83 17.95 21.02 4.84
CA ILE A 83 17.62 20.71 6.23
C ILE A 83 18.77 21.08 7.15
N CYS A 84 20.01 20.77 6.74
CA CYS A 84 21.17 21.05 7.58
C CYS A 84 21.44 22.55 7.69
N ALA A 85 21.04 23.33 6.69
CA ALA A 85 21.16 24.78 6.80
C ALA A 85 20.26 25.33 7.90
N ARG A 86 19.15 24.66 8.17
CA ARG A 86 18.17 25.12 9.14
C ARG A 86 18.39 24.56 10.54
N ASN A 87 19.14 23.46 10.67
CA ASN A 87 19.20 22.73 11.92
C ASN A 87 20.65 22.40 12.28
N SER A 88 20.99 22.61 13.55
CA SER A 88 22.31 22.28 14.08
C SER A 88 22.42 20.78 14.34
N PRO A 89 23.62 20.29 14.64
CA PRO A 89 23.75 18.87 15.01
C PRO A 89 23.05 18.50 16.30
N GLN A 90 22.57 19.47 17.08
CA GLN A 90 21.74 19.21 18.24
C GLN A 90 20.27 19.16 17.92
N GLN A 91 19.88 19.63 16.71
CA GLN A 91 18.50 19.65 16.30
C GLN A 91 18.17 18.58 15.26
N VAL A 92 19.16 18.05 14.54
CA VAL A 92 18.92 17.05 13.51
C VAL A 92 20.10 16.10 13.45
N ARG A 93 19.82 14.83 13.13
CA ARG A 93 20.83 13.82 12.90
C ARG A 93 20.36 12.92 11.76
N PHE A 94 21.29 12.50 10.91
CA PHE A 94 20.97 11.78 9.69
C PHE A 94 21.52 10.36 9.75
N MET A 95 20.67 9.39 9.44
CA MET A 95 21.10 8.02 9.15
C MET A 95 20.76 7.71 7.71
N LEU A 96 21.73 7.14 6.99
CA LEU A 96 21.64 6.97 5.55
C LEU A 96 21.62 5.49 5.17
N ALA A 97 20.76 5.15 4.21
CA ALA A 97 20.86 3.90 3.46
C ALA A 97 21.33 4.28 2.06
N ASP A 98 22.56 3.89 1.73
CA ASP A 98 23.27 4.38 0.55
C ASP A 98 24.00 3.21 -0.10
N TYR A 99 23.22 2.26 -0.63
CA TYR A 99 23.80 1.05 -1.21
C TYR A 99 24.65 1.37 -2.43
N ARG A 100 24.21 2.32 -3.26
CA ARG A 100 24.96 2.70 -4.45
C ARG A 100 26.06 3.71 -4.16
N SER A 101 26.23 4.11 -2.89
CA SER A 101 27.38 4.89 -2.44
C SER A 101 27.48 6.22 -3.18
N GLY A 102 26.41 6.99 -3.16
CA GLY A 102 26.39 8.27 -3.84
C GLY A 102 26.04 9.45 -2.96
N LEU A 103 25.96 9.22 -1.65
CA LEU A 103 25.50 10.25 -0.71
C LEU A 103 26.54 10.58 0.36
N LEU A 104 27.83 10.35 0.07
CA LEU A 104 28.88 10.65 1.04
C LEU A 104 28.82 12.08 1.51
N ASP A 105 28.50 13.02 0.62
CA ASP A 105 28.50 14.44 0.94
C ASP A 105 27.10 15.02 1.07
N ALA A 106 26.06 14.18 1.11
CA ALA A 106 24.70 14.70 1.31
C ALA A 106 24.59 15.50 2.59
N VAL A 107 25.36 15.12 3.60
CA VAL A 107 25.28 15.69 4.94
C VAL A 107 26.71 15.89 5.44
N PRO A 108 27.04 17.02 6.05
CA PRO A 108 28.38 17.15 6.63
C PRO A 108 28.52 16.22 7.82
N ASP A 109 29.76 15.74 8.04
CA ASP A 109 29.95 14.73 9.08
C ASP A 109 29.60 15.22 10.47
N THR A 110 29.33 16.53 10.62
CA THR A 110 28.85 17.06 11.89
C THR A 110 27.42 16.60 12.20
N HIS A 111 26.63 16.29 11.17
CA HIS A 111 25.22 15.98 11.35
C HIS A 111 24.90 14.50 11.20
N LEU A 112 25.91 13.64 11.11
CA LEU A 112 25.69 12.21 10.98
C LEU A 112 25.37 11.59 12.33
N LEU A 113 24.51 10.57 12.30
CA LEU A 113 24.05 9.89 13.52
C LEU A 113 25.02 8.76 13.87
N GLY A 114 26.16 9.16 14.44
CA GLY A 114 27.09 8.19 14.97
C GLY A 114 28.00 7.57 13.93
N ALA A 115 28.80 6.61 14.41
CA ALA A 115 29.83 6.01 13.57
C ALA A 115 29.24 5.11 12.49
N GLY A 116 28.05 4.57 12.71
CA GLY A 116 27.43 3.73 11.72
C GLY A 116 26.32 4.41 10.94
N ALA A 117 26.52 5.70 10.67
CA ALA A 117 25.44 6.52 10.10
C ALA A 117 25.19 6.16 8.63
N ILE A 118 26.23 5.86 7.88
CA ILE A 118 26.11 5.55 6.46
C ILE A 118 26.17 4.05 6.27
N ASN A 119 25.06 3.46 5.81
CA ASN A 119 24.92 2.02 5.65
C ASN A 119 24.81 1.69 4.17
N ARG A 120 25.77 0.92 3.67
CA ARG A 120 25.88 0.64 2.25
C ARG A 120 25.56 -0.82 1.90
N ASN A 121 25.07 -1.61 2.85
CA ASN A 121 24.68 -2.98 2.56
C ASN A 121 23.66 -3.43 3.61
N SER A 122 23.14 -4.64 3.41
CA SER A 122 22.05 -5.15 4.26
C SER A 122 22.50 -5.33 5.70
N ALA A 123 23.67 -5.94 5.91
CA ALA A 123 24.13 -6.22 7.27
C ALA A 123 24.30 -4.94 8.07
N SER A 124 24.90 -3.91 7.46
CA SER A 124 25.07 -2.64 8.15
C SER A 124 23.72 -2.01 8.48
N LEU A 125 22.81 -2.00 7.51
CA LEU A 125 21.53 -1.32 7.69
C LEU A 125 20.69 -1.98 8.78
N ASP A 126 20.63 -3.32 8.78
CA ASP A 126 19.87 -4.05 9.78
C ASP A 126 20.33 -3.67 11.19
N GLU A 127 21.64 -3.64 11.41
CA GLU A 127 22.18 -3.28 12.72
C GLU A 127 21.83 -1.85 13.07
N ALA A 128 21.98 -0.93 12.12
CA ALA A 128 21.71 0.49 12.38
C ALA A 128 20.23 0.73 12.66
N VAL A 129 19.36 0.04 11.92
CA VAL A 129 17.92 0.23 12.12
C VAL A 129 17.48 -0.37 13.44
N GLN A 130 18.10 -1.49 13.85
CA GLN A 130 17.83 -2.05 15.17
C GLN A 130 18.14 -1.04 16.26
N ALA A 131 19.36 -0.47 16.24
CA ALA A 131 19.77 0.47 17.27
C ALA A 131 18.89 1.71 17.27
N LEU A 132 18.51 2.19 16.08
CA LEU A 132 17.69 3.40 16.00
C LEU A 132 16.32 3.18 16.62
N ALA A 133 15.68 2.05 16.31
CA ALA A 133 14.34 1.78 16.82
C ALA A 133 14.33 1.66 18.33
N VAL A 134 15.37 1.04 18.90
CA VAL A 134 15.48 0.96 20.36
C VAL A 134 15.55 2.36 20.97
N ASN A 135 16.33 3.25 20.35
CA ASN A 135 16.45 4.61 20.87
C ASN A 135 15.18 5.41 20.64
N LEU A 136 14.57 5.26 19.47
CA LEU A 136 13.38 6.06 19.15
C LEU A 136 12.17 5.66 19.98
N LYS A 137 12.06 4.36 20.33
CA LYS A 137 10.92 3.89 21.11
C LYS A 137 10.91 4.54 22.49
N LYS A 138 12.06 4.94 22.99
CA LYS A 138 12.14 5.67 24.26
C LYS A 138 11.41 7.01 24.21
N ARG A 139 11.11 7.52 23.02
CA ARG A 139 10.43 8.80 22.86
C ARG A 139 8.93 8.66 22.67
N LEU A 140 8.39 7.44 22.67
CA LEU A 140 6.98 7.26 22.42
C LEU A 140 6.16 7.98 23.50
N PRO A 141 5.05 8.60 23.14
CA PRO A 141 4.27 9.35 24.12
C PRO A 141 3.57 8.41 25.09
N PRO A 142 3.66 8.68 26.38
CA PRO A 142 2.84 7.93 27.34
C PRO A 142 1.39 8.33 27.20
N THR A 143 0.49 7.42 27.56
CA THR A 143 -0.90 7.79 27.70
C THR A 143 -1.13 8.66 28.94
N ASP A 144 -0.12 8.74 29.81
CA ASP A 144 -0.23 9.52 31.04
C ASP A 144 -0.47 11.00 30.75
N LEU A 145 0.29 11.56 29.81
CA LEU A 145 0.42 13.00 29.68
C LEU A 145 -0.85 13.64 29.09
N THR A 146 -0.87 14.97 29.12
CA THR A 146 -1.99 15.75 28.62
C THR A 146 -1.79 16.06 27.14
N THR A 147 -2.90 16.17 26.41
CA THR A 147 -2.82 16.48 24.99
C THR A 147 -2.22 17.84 24.73
N ALA A 148 -2.23 18.74 25.72
CA ALA A 148 -1.48 19.99 25.60
C ALA A 148 0.02 19.71 25.50
N GLN A 149 0.47 18.57 26.01
CA GLN A 149 1.86 18.14 25.87
C GLN A 149 2.10 17.31 24.62
N LEU A 150 1.03 16.92 23.91
CA LEU A 150 1.17 15.98 22.80
C LEU A 150 1.68 16.68 21.54
N ARG A 151 0.96 17.70 21.07
CA ARG A 151 1.47 18.49 19.95
C ARG A 151 2.73 19.25 20.33
N SER A 152 2.87 19.62 21.61
CA SER A 152 4.03 20.34 22.08
C SER A 152 5.28 19.47 22.21
N ARG A 153 5.12 18.14 22.24
CA ARG A 153 6.24 17.21 22.29
C ARG A 153 7.17 17.49 23.47
N SER A 154 6.57 17.76 24.63
CA SER A 154 7.32 18.26 25.78
C SER A 154 7.92 17.15 26.64
N TRP A 155 7.56 15.88 26.41
CA TRP A 155 8.05 14.82 27.27
C TRP A 155 9.44 14.33 26.90
N TRP A 156 10.04 14.89 25.84
CA TRP A 156 11.40 14.52 25.47
C TRP A 156 12.05 15.70 24.76
N SER A 157 13.38 15.77 24.84
CA SER A 157 14.16 16.80 24.19
C SER A 157 15.35 16.17 23.49
N GLY A 158 15.63 16.62 22.29
CA GLY A 158 16.75 16.09 21.53
C GLY A 158 16.58 16.37 20.05
N PHE A 159 17.48 15.76 19.28
CA PHE A 159 17.48 15.96 17.84
C PHE A 159 16.36 15.17 17.16
N ASP A 160 15.80 15.74 16.11
CA ASP A 160 15.02 14.95 15.17
C ASP A 160 15.96 14.07 14.36
N VAL A 161 15.44 12.92 13.92
CA VAL A 161 16.20 11.99 13.09
C VAL A 161 15.63 12.00 11.69
N VAL A 162 16.50 12.17 10.70
CA VAL A 162 16.13 12.02 9.29
C VAL A 162 16.71 10.71 8.80
N LEU A 163 15.84 9.83 8.34
CA LEU A 163 16.25 8.56 7.72
C LEU A 163 16.29 8.79 6.21
N LEU A 164 17.49 8.98 5.68
CA LEU A 164 17.69 9.32 4.28
C LEU A 164 17.99 8.04 3.50
N VAL A 165 17.04 7.61 2.68
CA VAL A 165 17.05 6.27 2.09
C VAL A 165 17.04 6.40 0.58
N ASP A 166 18.16 6.06 -0.05
CA ASP A 166 18.27 6.05 -1.50
C ASP A 166 18.02 4.64 -2.03
N ASP A 167 17.33 4.55 -3.17
CA ASP A 167 17.16 3.32 -3.92
C ASP A 167 16.50 2.23 -3.07
N TRP A 168 15.28 2.54 -2.63
CA TRP A 168 14.47 1.60 -1.84
C TRP A 168 14.32 0.25 -2.53
N HIS A 169 14.26 0.25 -3.86
CA HIS A 169 14.09 -1.00 -4.61
C HIS A 169 15.26 -1.95 -4.40
N MET A 170 16.48 -1.41 -4.25
CA MET A 170 17.64 -2.25 -3.99
C MET A 170 17.59 -2.83 -2.58
N ILE A 171 17.22 -2.00 -1.60
CA ILE A 171 17.10 -2.48 -0.23
C ILE A 171 16.06 -3.59 -0.14
N VAL A 172 14.93 -3.42 -0.82
CA VAL A 172 13.89 -4.45 -0.82
C VAL A 172 14.41 -5.71 -1.50
N GLY A 173 15.11 -5.56 -2.62
CA GLY A 173 15.61 -6.73 -3.34
C GLY A 173 16.70 -7.46 -2.59
N ALA A 174 17.53 -6.74 -1.86
CA ALA A 174 18.65 -7.33 -1.13
C ALA A 174 18.25 -7.83 0.25
N ALA A 175 17.01 -7.64 0.67
CA ALA A 175 16.55 -8.05 1.99
C ALA A 175 16.02 -9.47 2.01
N GLY A 176 16.12 -10.20 0.89
CA GLY A 176 15.45 -11.48 0.80
C GLY A 176 13.95 -11.28 0.70
N GLY A 177 13.20 -12.08 1.45
CA GLY A 177 11.76 -11.94 1.48
C GLY A 177 11.28 -11.23 2.73
N MET A 178 12.19 -11.05 3.69
CA MET A 178 11.84 -10.36 4.92
C MET A 178 11.68 -8.86 4.66
N PRO A 179 10.77 -8.21 5.39
CA PRO A 179 10.61 -6.76 5.23
C PRO A 179 11.80 -6.02 5.81
N PRO A 180 12.42 -5.14 5.03
CA PRO A 180 13.40 -4.21 5.61
C PRO A 180 12.68 -3.15 6.41
N MET A 181 13.42 -2.57 7.37
CA MET A 181 12.90 -1.58 8.31
C MET A 181 11.86 -2.16 9.26
N ALA A 182 11.82 -3.49 9.40
CA ALA A 182 10.87 -4.12 10.30
C ALA A 182 10.90 -3.57 11.73
N PRO A 183 12.05 -3.25 12.34
CA PRO A 183 12.00 -2.65 13.68
C PRO A 183 11.40 -1.26 13.70
N LEU A 184 11.46 -0.52 12.59
CA LEU A 184 11.00 0.87 12.58
C LEU A 184 9.55 1.01 12.13
N ALA A 185 9.08 0.13 11.25
CA ALA A 185 7.71 0.22 10.73
C ALA A 185 6.64 0.40 11.81
N PRO A 186 6.68 -0.30 12.95
CA PRO A 186 5.63 -0.07 13.96
C PRO A 186 5.64 1.34 14.55
N LEU A 187 6.80 2.00 14.59
CA LEU A 187 6.88 3.34 15.16
C LEU A 187 6.39 4.43 14.22
N LEU A 188 6.22 4.12 12.93
CA LEU A 188 5.88 5.16 11.96
C LEU A 188 4.61 5.94 12.26
N PRO A 189 3.53 5.35 12.80
CA PRO A 189 2.36 6.19 13.15
C PRO A 189 2.68 7.30 14.12
N ALA A 190 3.71 7.15 14.95
CA ALA A 190 4.09 8.16 15.94
C ALA A 190 5.28 8.99 15.47
N ALA A 191 5.55 9.03 14.17
CA ALA A 191 6.75 9.70 13.66
C ALA A 191 6.78 11.18 14.06
N ALA A 192 5.65 11.86 13.92
CA ALA A 192 5.61 13.27 14.28
C ALA A 192 5.85 13.48 15.77
N ASP A 193 5.44 12.53 16.60
CA ASP A 193 5.59 12.68 18.05
C ASP A 193 7.02 12.43 18.51
N ILE A 194 7.79 11.63 17.77
CA ILE A 194 9.15 11.26 18.17
C ILE A 194 10.20 11.94 17.32
N GLY A 195 9.80 12.84 16.42
CA GLY A 195 10.76 13.56 15.61
C GLY A 195 11.44 12.74 14.54
N LEU A 196 10.75 11.75 13.97
CA LEU A 196 11.32 10.92 12.92
C LEU A 196 10.85 11.41 11.56
N HIS A 197 11.79 11.57 10.63
CA HIS A 197 11.50 11.88 9.25
C HIS A 197 12.15 10.84 8.36
N ILE A 198 11.41 10.29 7.41
CA ILE A 198 11.97 9.43 6.39
C ILE A 198 11.92 10.16 5.05
N ILE A 199 13.02 10.11 4.32
CA ILE A 199 13.12 10.66 2.97
C ILE A 199 13.63 9.53 2.09
N VAL A 200 12.76 8.98 1.26
CA VAL A 200 13.03 7.76 0.52
C VAL A 200 12.90 8.02 -0.97
N THR A 201 13.86 7.55 -1.75
CA THR A 201 13.78 7.52 -3.20
C THR A 201 13.56 6.09 -3.66
N CYS A 202 12.84 5.93 -4.76
CA CYS A 202 12.53 4.62 -5.30
C CYS A 202 12.44 4.70 -6.81
N GLN A 203 12.99 3.69 -7.49
CA GLN A 203 12.82 3.57 -8.92
C GLN A 203 11.33 3.45 -9.24
N MET A 204 10.91 4.14 -10.31
CA MET A 204 9.49 4.21 -10.63
C MET A 204 8.90 2.82 -10.91
N SER A 205 9.70 1.90 -11.47
CA SER A 205 9.18 0.59 -11.81
C SER A 205 8.78 -0.22 -10.59
N GLN A 206 9.32 0.10 -9.41
CA GLN A 206 8.96 -0.58 -8.18
C GLN A 206 8.19 0.32 -7.21
N ALA A 207 8.01 1.59 -7.55
CA ALA A 207 7.35 2.53 -6.64
C ALA A 207 5.91 2.14 -6.37
N TYR A 208 5.22 1.58 -7.36
CA TYR A 208 3.84 1.16 -7.14
C TYR A 208 3.76 0.07 -6.08
N LYS A 209 4.61 -0.96 -6.20
CA LYS A 209 4.70 -1.98 -5.16
C LYS A 209 5.10 -1.38 -3.83
N ALA A 210 5.92 -0.32 -3.86
CA ALA A 210 6.38 0.29 -2.61
C ALA A 210 5.27 1.04 -1.89
N THR A 211 4.31 1.60 -2.63
CA THR A 211 3.22 2.33 -2.00
C THR A 211 2.29 1.43 -1.21
N MET A 212 2.47 0.11 -1.27
CA MET A 212 1.65 -0.82 -0.48
C MET A 212 2.47 -1.65 0.49
N ASP A 213 3.74 -1.30 0.73
CA ASP A 213 4.50 -1.99 1.77
C ASP A 213 4.35 -1.25 3.10
N LYS A 214 5.06 -1.72 4.12
CA LYS A 214 4.86 -1.23 5.47
C LYS A 214 5.80 -0.10 5.87
N PHE A 215 6.67 0.35 4.96
CA PHE A 215 7.58 1.46 5.24
C PHE A 215 7.28 2.64 4.33
N VAL A 216 7.60 2.56 3.03
CA VAL A 216 7.21 3.61 2.10
C VAL A 216 5.70 3.70 2.00
N GLY A 217 5.02 2.54 2.00
CA GLY A 217 3.57 2.55 1.89
C GLY A 217 2.88 3.16 3.10
N ALA A 218 3.49 3.04 4.28
CA ALA A 218 2.92 3.67 5.47
C ALA A 218 2.98 5.19 5.36
N ALA A 219 4.12 5.72 4.90
CA ALA A 219 4.21 7.16 4.68
C ALA A 219 3.28 7.61 3.56
N PHE A 220 3.23 6.84 2.46
CA PHE A 220 2.42 7.23 1.32
C PHE A 220 0.93 7.26 1.67
N GLY A 221 0.43 6.18 2.28
CA GLY A 221 -0.97 6.10 2.62
C GLY A 221 -1.41 7.11 3.66
N SER A 222 -0.46 7.70 4.40
CA SER A 222 -0.77 8.70 5.41
C SER A 222 -0.59 10.13 4.91
N GLY A 223 -0.38 10.31 3.61
CA GLY A 223 -0.35 11.63 3.03
C GLY A 223 1.01 12.28 2.93
N ALA A 224 2.09 11.50 2.96
CA ALA A 224 3.41 12.08 2.77
C ALA A 224 3.50 12.69 1.38
N PRO A 225 4.03 13.91 1.24
CA PRO A 225 4.21 14.48 -0.10
C PRO A 225 5.13 13.61 -0.93
N THR A 226 4.76 13.41 -2.19
CA THR A 226 5.43 12.46 -3.06
C THR A 226 5.78 13.13 -4.38
N MET A 227 7.06 13.15 -4.72
CA MET A 227 7.51 13.59 -6.03
C MET A 227 7.39 12.44 -7.02
N PHE A 228 6.65 12.65 -8.09
CA PHE A 228 6.60 11.71 -9.21
C PHE A 228 7.47 12.30 -10.32
N LEU A 229 8.74 11.91 -10.33
CA LEU A 229 9.65 12.33 -11.39
C LEU A 229 9.31 11.58 -12.68
N SER A 230 10.21 11.67 -13.66
CA SER A 230 9.98 11.02 -14.95
C SER A 230 9.75 9.53 -14.76
N GLY A 231 8.82 8.99 -15.54
CA GLY A 231 8.54 7.57 -15.54
C GLY A 231 7.59 7.23 -16.66
N GLU A 232 7.47 5.93 -16.91
CA GLU A 232 6.51 5.45 -17.89
C GLU A 232 5.16 5.30 -17.23
N LYS A 233 4.10 5.80 -17.90
CA LYS A 233 2.78 5.78 -17.30
C LYS A 233 2.34 4.36 -16.94
N GLN A 234 2.78 3.36 -17.70
CA GLN A 234 2.34 1.99 -17.40
C GLN A 234 3.03 1.40 -16.18
N GLU A 235 4.11 2.00 -15.68
CA GLU A 235 4.69 1.55 -14.42
C GLU A 235 3.79 1.93 -13.24
N PHE A 236 3.06 3.02 -13.37
CA PHE A 236 2.27 3.63 -12.31
C PHE A 236 1.14 4.42 -12.99
N PRO A 237 0.09 3.76 -13.47
CA PRO A 237 -0.85 4.41 -14.40
C PRO A 237 -2.00 5.15 -13.76
N SER A 238 -2.17 5.07 -12.44
CA SER A 238 -3.24 5.78 -11.75
C SER A 238 -3.32 7.23 -12.23
N SER A 239 -4.50 7.64 -12.67
CA SER A 239 -4.63 8.93 -13.35
C SER A 239 -4.49 10.11 -12.39
N GLU A 240 -4.72 9.91 -11.09
CA GLU A 240 -4.52 10.97 -10.11
C GLU A 240 -3.16 11.63 -10.31
N PHE A 241 -2.12 10.83 -10.28
CA PHE A 241 -0.77 11.27 -10.57
C PHE A 241 -0.52 11.19 -12.07
N LYS A 242 0.13 12.22 -12.61
CA LYS A 242 0.42 12.28 -14.04
C LYS A 242 1.84 11.75 -14.30
N VAL A 243 1.96 10.43 -14.18
CA VAL A 243 3.25 9.80 -14.44
C VAL A 243 3.52 9.81 -15.94
N LYS A 244 4.59 10.48 -16.34
CA LYS A 244 4.95 10.62 -17.75
C LYS A 244 6.45 10.91 -17.83
N ARG A 245 6.98 10.86 -19.03
CA ARG A 245 8.38 11.19 -19.24
C ARG A 245 8.61 12.67 -18.97
N ARG A 246 9.63 12.97 -18.18
CA ARG A 246 9.91 14.31 -17.72
C ARG A 246 11.40 14.59 -17.83
N PRO A 247 11.79 15.85 -18.01
CA PRO A 247 13.20 16.20 -17.86
C PRO A 247 13.68 15.83 -16.49
N PRO A 248 14.98 15.52 -16.34
CA PRO A 248 15.52 15.23 -15.00
C PRO A 248 15.23 16.37 -14.04
N GLY A 249 14.81 16.00 -12.82
CA GLY A 249 14.51 16.96 -11.78
C GLY A 249 13.08 17.48 -11.78
N GLN A 250 12.35 17.34 -12.88
CA GLN A 250 10.97 17.80 -12.94
C GLN A 250 10.04 16.73 -12.39
N ALA A 251 9.11 17.14 -11.53
CA ALA A 251 8.26 16.18 -10.83
C ALA A 251 6.85 16.71 -10.69
N PHE A 252 5.89 15.79 -10.72
CA PHE A 252 4.52 16.06 -10.29
C PHE A 252 4.44 15.80 -8.79
N LEU A 253 4.35 16.86 -8.01
CA LEU A 253 4.33 16.75 -6.56
C LEU A 253 2.90 16.57 -6.08
N VAL A 254 2.66 15.50 -5.31
CA VAL A 254 1.31 15.15 -4.87
C VAL A 254 1.31 15.05 -3.35
N SER A 255 0.34 15.71 -2.74
CA SER A 255 0.02 15.55 -1.32
C SER A 255 -1.47 15.78 -1.17
N PRO A 256 -2.03 15.49 0.01
CA PRO A 256 -3.41 15.93 0.27
C PRO A 256 -3.56 17.44 0.15
N ASP A 257 -2.46 18.17 0.16
CA ASP A 257 -2.38 19.63 0.08
C ASP A 257 -2.45 20.16 -1.35
N GLY A 258 -2.69 19.30 -2.33
CA GLY A 258 -2.73 19.69 -3.73
C GLY A 258 -1.72 18.92 -4.57
N LYS A 259 -1.85 19.11 -5.88
CA LYS A 259 -0.97 18.48 -6.86
C LYS A 259 -0.44 19.54 -7.80
N GLU A 260 0.87 19.58 -8.01
CA GLU A 260 1.44 20.58 -8.89
C GLU A 260 2.80 20.13 -9.41
N VAL A 261 3.20 20.73 -10.52
CA VAL A 261 4.49 20.45 -11.15
C VAL A 261 5.55 21.35 -10.53
N ILE A 262 6.67 20.74 -10.13
CA ILE A 262 7.79 21.46 -9.56
C ILE A 262 9.07 21.06 -10.28
N GLN A 263 10.08 21.92 -10.20
CA GLN A 263 11.44 21.59 -10.57
C GLN A 263 12.25 21.43 -9.29
N ALA A 264 12.66 20.21 -9.00
CA ALA A 264 13.36 19.89 -7.77
C ALA A 264 14.82 20.37 -7.83
N PRO A 265 15.42 20.69 -6.69
CA PRO A 265 16.71 21.38 -6.70
C PRO A 265 17.85 20.49 -7.19
N TYR A 266 18.80 21.14 -7.86
CA TYR A 266 20.04 20.50 -8.32
C TYR A 266 21.19 20.94 -7.42
N ILE A 267 22.20 20.09 -7.33
CA ILE A 267 23.42 20.39 -6.58
C ILE A 267 24.55 19.55 -7.16
N GLU A 268 25.71 20.18 -7.38
CA GLU A 268 26.84 19.47 -8.00
C GLU A 268 27.41 18.42 -7.06
N ALA B 8 -6.61 -49.52 -21.66
CA ALA B 8 -6.82 -48.08 -21.65
C ALA B 8 -7.47 -47.63 -20.35
N PRO B 9 -6.79 -46.74 -19.62
CA PRO B 9 -7.35 -46.21 -18.37
C PRO B 9 -8.63 -45.44 -18.62
N PRO B 10 -9.60 -45.53 -17.72
CA PRO B 10 -10.79 -44.69 -17.85
C PRO B 10 -10.43 -43.22 -17.70
N VAL B 11 -11.01 -42.39 -18.57
CA VAL B 11 -10.72 -40.97 -18.59
C VAL B 11 -11.47 -40.29 -17.45
N ARG B 12 -10.74 -39.49 -16.67
CA ARG B 12 -11.34 -38.61 -15.69
C ARG B 12 -11.02 -37.17 -16.06
N VAL B 13 -12.06 -36.37 -16.21
CA VAL B 13 -11.94 -34.99 -16.67
C VAL B 13 -12.53 -34.08 -15.61
N LEU B 14 -11.94 -32.90 -15.46
CA LEU B 14 -12.47 -31.89 -14.54
C LEU B 14 -13.92 -31.60 -14.89
N PRO B 15 -14.87 -31.90 -13.99
CA PRO B 15 -16.29 -31.72 -14.33
C PRO B 15 -16.63 -30.28 -14.68
N GLU B 16 -17.65 -30.11 -15.53
CA GLU B 16 -18.06 -28.78 -15.97
C GLU B 16 -18.79 -28.01 -14.87
N ARG B 17 -19.33 -28.71 -13.86
CA ARG B 17 -20.07 -28.05 -12.80
C ARG B 17 -19.84 -28.81 -11.50
N ILE B 18 -19.32 -28.12 -10.49
CA ILE B 18 -19.14 -28.71 -9.18
C ILE B 18 -19.90 -27.86 -8.16
N HIS B 19 -20.83 -28.48 -7.46
CA HIS B 19 -21.60 -27.77 -6.46
C HIS B 19 -20.74 -27.52 -5.22
N LEU B 20 -21.12 -26.48 -4.46
CA LEU B 20 -20.35 -26.12 -3.28
C LEU B 20 -20.31 -27.26 -2.26
N HIS B 21 -21.38 -28.05 -2.17
CA HIS B 21 -21.38 -29.14 -1.22
C HIS B 21 -20.43 -30.26 -1.64
N GLU B 22 -20.22 -30.45 -2.94
CA GLU B 22 -19.22 -31.42 -3.38
C GLU B 22 -17.82 -30.91 -3.09
N LEU B 23 -17.58 -29.62 -3.32
CA LEU B 23 -16.28 -29.04 -2.99
C LEU B 23 -16.07 -28.97 -1.48
N ASP B 24 -17.15 -28.75 -0.72
CA ASP B 24 -17.05 -28.48 0.72
C ASP B 24 -18.06 -29.35 1.48
N PRO B 25 -17.87 -30.68 1.45
CA PRO B 25 -18.85 -31.54 2.13
C PRO B 25 -18.68 -31.59 3.64
N ASN B 26 -17.52 -31.19 4.15
CA ASN B 26 -17.18 -31.37 5.56
C ASN B 26 -16.74 -30.08 6.25
N PRO B 27 -17.39 -28.93 6.03
CA PRO B 27 -16.82 -27.67 6.54
C PRO B 27 -16.70 -27.69 8.04
N PRO B 28 -15.55 -27.29 8.57
CA PRO B 28 -15.45 -27.04 10.02
C PRO B 28 -16.22 -25.80 10.40
N GLY B 29 -16.52 -25.68 11.69
CA GLY B 29 -17.43 -24.67 12.17
C GLY B 29 -16.78 -23.57 12.97
N PRO B 30 -17.61 -22.65 13.48
CA PRO B 30 -17.11 -21.55 14.32
C PRO B 30 -16.37 -22.02 15.57
N GLU B 31 -16.54 -23.28 15.95
CA GLU B 31 -15.86 -23.81 17.13
C GLU B 31 -14.35 -23.93 16.93
N SER B 32 -13.86 -23.84 15.69
CA SER B 32 -12.48 -24.12 15.37
C SER B 32 -11.60 -22.90 15.58
N ASP B 33 -10.29 -23.11 15.43
CA ASP B 33 -9.31 -22.04 15.53
C ASP B 33 -9.37 -21.15 14.30
N TYR B 34 -8.65 -20.03 14.37
CA TYR B 34 -8.68 -19.04 13.29
C TYR B 34 -8.18 -19.64 11.98
N ARG B 35 -7.06 -20.38 12.03
CA ARG B 35 -6.48 -20.94 10.82
C ARG B 35 -7.46 -21.86 10.09
N THR B 36 -8.11 -22.74 10.85
CA THR B 36 -9.06 -23.68 10.25
C THR B 36 -10.25 -22.94 9.64
N ARG B 37 -10.73 -21.91 10.31
CA ARG B 37 -11.89 -21.17 9.83
C ARG B 37 -11.61 -20.34 8.59
N TRP B 38 -10.35 -20.12 8.25
CA TRP B 38 -9.99 -19.29 7.09
C TRP B 38 -9.15 -20.05 6.07
N GLU B 39 -9.17 -21.39 6.13
CA GLU B 39 -8.65 -22.22 5.04
C GLU B 39 -9.84 -22.55 4.16
N ILE B 40 -10.06 -21.72 3.15
CA ILE B 40 -11.31 -21.71 2.39
C ILE B 40 -11.11 -22.51 1.11
N PRO B 41 -11.93 -23.53 0.85
CA PRO B 41 -11.89 -24.18 -0.46
C PRO B 41 -12.48 -23.27 -1.53
N ILE B 42 -11.76 -23.12 -2.64
CA ILE B 42 -12.17 -22.21 -3.70
C ILE B 42 -12.35 -22.91 -5.05
N GLY B 43 -12.08 -24.22 -5.13
CA GLY B 43 -12.24 -24.93 -6.38
C GLY B 43 -11.61 -26.29 -6.41
N LEU B 44 -12.02 -27.12 -7.37
CA LEU B 44 -11.47 -28.46 -7.53
C LEU B 44 -10.35 -28.43 -8.55
N ARG B 45 -9.18 -28.97 -8.17
CA ARG B 45 -8.03 -28.97 -9.06
C ARG B 45 -8.25 -29.92 -10.22
N GLU B 46 -7.74 -29.54 -11.40
CA GLU B 46 -7.80 -30.43 -12.55
C GLU B 46 -6.91 -31.65 -12.39
N THR B 47 -5.82 -31.51 -11.64
CA THR B 47 -4.85 -32.59 -11.55
C THR B 47 -5.34 -33.76 -10.71
N ASP B 48 -6.20 -33.51 -9.71
CA ASP B 48 -6.57 -34.60 -8.82
C ASP B 48 -8.01 -34.52 -8.31
N LEU B 49 -8.84 -33.61 -8.82
CA LEU B 49 -10.22 -33.47 -8.35
C LEU B 49 -10.30 -33.26 -6.84
N THR B 50 -9.31 -32.53 -6.31
CA THR B 50 -9.13 -32.26 -4.89
C THR B 50 -9.11 -30.74 -4.66
N PRO B 51 -9.73 -30.26 -3.59
CA PRO B 51 -9.87 -28.81 -3.41
C PRO B 51 -8.54 -28.08 -3.32
N ALA B 52 -8.44 -26.97 -4.05
CA ALA B 52 -7.45 -25.94 -3.79
C ALA B 52 -8.05 -24.96 -2.78
N HIS B 53 -7.19 -24.27 -2.03
CA HIS B 53 -7.63 -23.46 -0.93
C HIS B 53 -7.11 -22.03 -1.05
N CYS B 54 -7.91 -21.09 -0.53
CA CYS B 54 -7.45 -19.76 -0.19
C CYS B 54 -6.98 -19.77 1.25
N HIS B 55 -5.69 -19.52 1.47
CA HIS B 55 -5.13 -19.49 2.82
C HIS B 55 -5.33 -18.08 3.39
N MET B 56 -6.59 -17.75 3.65
CA MET B 56 -6.97 -16.40 4.05
C MET B 56 -6.51 -16.05 5.46
N HIS B 57 -6.02 -17.01 6.23
CA HIS B 57 -5.34 -16.71 7.48
C HIS B 57 -3.98 -16.08 7.24
N THR B 58 -3.48 -16.16 6.04
CA THR B 58 -2.21 -15.62 5.55
C THR B 58 -2.35 -14.55 4.42
N ASN B 59 -2.78 -14.85 3.21
CA ASN B 59 -3.08 -13.78 2.25
C ASN B 59 -4.56 -13.67 2.42
N PRO B 60 -4.96 -12.53 2.85
CA PRO B 60 -6.37 -12.31 3.16
C PRO B 60 -7.35 -12.21 1.98
N HIS B 61 -6.90 -12.05 0.73
CA HIS B 61 -7.74 -11.63 -0.37
C HIS B 61 -7.93 -12.73 -1.42
N LEU B 62 -8.85 -12.43 -2.35
CA LEU B 62 -9.13 -13.29 -3.49
C LEU B 62 -9.65 -12.41 -4.63
N LEU B 63 -9.09 -12.60 -5.82
CA LEU B 63 -9.51 -11.86 -7.01
C LEU B 63 -10.07 -12.83 -8.05
N ILE B 64 -11.14 -12.40 -8.72
CA ILE B 64 -11.86 -13.24 -9.68
C ILE B 64 -12.06 -12.44 -10.96
N PHE B 65 -11.31 -12.78 -12.01
CA PHE B 65 -11.42 -12.12 -13.30
C PHE B 65 -12.12 -13.05 -14.29
N GLY B 66 -12.98 -12.48 -15.14
CA GLY B 66 -13.69 -13.30 -16.10
C GLY B 66 -14.57 -12.54 -17.08
N ALA B 67 -14.73 -13.10 -18.28
CA ALA B 67 -15.56 -12.49 -19.31
C ALA B 67 -17.04 -12.61 -18.94
N ALA B 68 -17.91 -12.15 -19.83
CA ALA B 68 -19.34 -12.19 -19.59
C ALA B 68 -19.83 -13.63 -19.40
N LYS B 69 -20.64 -13.82 -18.36
CA LYS B 69 -21.27 -15.12 -18.09
C LYS B 69 -20.24 -16.22 -17.91
N SER B 70 -19.15 -15.92 -17.20
CA SER B 70 -18.12 -16.90 -16.92
C SER B 70 -18.21 -17.45 -15.49
N GLY B 71 -19.16 -16.96 -14.69
CA GLY B 71 -19.41 -17.49 -13.37
C GLY B 71 -19.04 -16.59 -12.21
N LYS B 72 -18.68 -15.34 -12.46
CA LYS B 72 -18.11 -14.48 -11.40
C LYS B 72 -19.08 -14.33 -10.23
N THR B 73 -20.32 -13.92 -10.51
CA THR B 73 -21.28 -13.67 -9.43
C THR B 73 -21.57 -14.94 -8.63
N THR B 74 -21.76 -16.07 -9.32
CA THR B 74 -22.07 -17.31 -8.61
C THR B 74 -20.91 -17.77 -7.74
N ILE B 75 -19.68 -17.63 -8.24
CA ILE B 75 -18.52 -18.08 -7.49
C ILE B 75 -18.37 -17.27 -6.20
N ALA B 76 -18.51 -15.95 -6.30
CA ALA B 76 -18.46 -15.10 -5.11
C ALA B 76 -19.56 -15.49 -4.12
N HIS B 77 -20.76 -15.76 -4.63
CA HIS B 77 -21.85 -16.28 -3.81
C HIS B 77 -21.43 -17.56 -3.08
N ALA B 78 -20.82 -18.50 -3.80
CA ALA B 78 -20.50 -19.79 -3.21
C ALA B 78 -19.38 -19.67 -2.19
N ILE B 79 -18.37 -18.85 -2.46
CA ILE B 79 -17.25 -18.72 -1.53
C ILE B 79 -17.68 -17.98 -0.27
N ALA B 80 -18.60 -17.01 -0.40
CA ALA B 80 -19.14 -16.36 0.78
C ALA B 80 -19.83 -17.37 1.70
N ARG B 81 -20.57 -18.31 1.11
CA ARG B 81 -21.25 -19.32 1.93
C ARG B 81 -20.25 -20.28 2.58
N ALA B 82 -19.18 -20.62 1.87
CA ALA B 82 -18.14 -21.46 2.47
C ALA B 82 -17.49 -20.74 3.65
N ILE B 83 -17.33 -19.42 3.55
CA ILE B 83 -16.78 -18.65 4.66
C ILE B 83 -17.76 -18.63 5.83
N CYS B 84 -19.05 -18.44 5.55
CA CYS B 84 -20.06 -18.38 6.60
C CYS B 84 -20.29 -19.73 7.26
N ALA B 85 -20.02 -20.82 6.55
CA ALA B 85 -20.08 -22.13 7.19
C ALA B 85 -19.00 -22.26 8.26
N ARG B 86 -17.89 -21.55 8.10
CA ARG B 86 -16.76 -21.65 9.01
C ARG B 86 -16.79 -20.63 10.14
N ASN B 87 -17.53 -19.52 9.97
CA ASN B 87 -17.42 -18.39 10.87
C ASN B 87 -18.81 -17.91 11.29
N SER B 88 -18.97 -17.66 12.58
CA SER B 88 -20.21 -17.15 13.15
C SER B 88 -20.30 -15.65 12.93
N PRO B 89 -21.46 -15.03 13.22
CA PRO B 89 -21.56 -13.57 13.09
C PRO B 89 -20.62 -12.80 14.01
N GLN B 90 -20.05 -13.45 15.03
CA GLN B 90 -19.04 -12.82 15.87
C GLN B 90 -17.64 -12.95 15.29
N GLN B 91 -17.46 -13.78 14.26
CA GLN B 91 -16.17 -14.01 13.66
C GLN B 91 -16.02 -13.39 12.27
N VAL B 92 -17.11 -13.10 11.58
CA VAL B 92 -17.04 -12.52 10.24
C VAL B 92 -18.28 -11.67 9.99
N ARG B 93 -18.09 -10.59 9.22
CA ARG B 93 -19.16 -9.73 8.77
C ARG B 93 -18.90 -9.33 7.33
N PHE B 94 -19.94 -9.25 6.53
CA PHE B 94 -19.84 -9.02 5.10
C PHE B 94 -20.41 -7.64 4.75
N MET B 95 -19.64 -6.87 3.98
CA MET B 95 -20.14 -5.68 3.32
C MET B 95 -20.05 -5.89 1.81
N LEU B 96 -21.15 -5.63 1.11
CA LEU B 96 -21.30 -6.02 -0.29
C LEU B 96 -21.38 -4.80 -1.19
N ALA B 97 -20.72 -4.89 -2.35
CA ALA B 97 -20.96 -4.00 -3.47
C ALA B 97 -21.64 -4.82 -4.55
N ASP B 98 -22.92 -4.52 -4.80
CA ASP B 98 -23.79 -5.38 -5.59
C ASP B 98 -24.65 -4.52 -6.51
N TYR B 99 -24.00 -3.84 -7.46
CA TYR B 99 -24.70 -2.89 -8.33
C TYR B 99 -25.72 -3.60 -9.21
N ARG B 100 -25.39 -4.80 -9.69
CA ARG B 100 -26.31 -5.57 -10.52
C ARG B 100 -27.29 -6.41 -9.70
N SER B 101 -27.24 -6.30 -8.37
CA SER B 101 -28.28 -6.83 -7.49
C SER B 101 -28.47 -8.33 -7.66
N GLY B 102 -27.38 -9.08 -7.52
CA GLY B 102 -27.45 -10.52 -7.67
C GLY B 102 -26.90 -11.30 -6.49
N LEU B 103 -26.63 -10.61 -5.38
CA LEU B 103 -25.97 -11.22 -4.23
C LEU B 103 -26.81 -11.07 -2.95
N LEU B 104 -28.13 -10.97 -3.09
CA LEU B 104 -29.01 -10.87 -1.93
C LEU B 104 -28.78 -12.04 -0.96
N ASP B 105 -28.61 -13.24 -1.50
CA ASP B 105 -28.51 -14.44 -0.69
C ASP B 105 -27.08 -14.97 -0.58
N ALA B 106 -26.08 -14.19 -1.00
CA ALA B 106 -24.70 -14.63 -0.86
C ALA B 106 -24.36 -14.93 0.59
N VAL B 107 -24.91 -14.13 1.51
CA VAL B 107 -24.63 -14.25 2.94
C VAL B 107 -25.97 -14.18 3.66
N PRO B 108 -26.21 -14.99 4.69
CA PRO B 108 -27.46 -14.85 5.45
C PRO B 108 -27.44 -13.56 6.25
N ASP B 109 -28.63 -13.00 6.48
CA ASP B 109 -28.68 -11.68 7.11
C ASP B 109 -28.11 -11.66 8.51
N THR B 110 -27.76 -12.82 9.07
CA THR B 110 -27.08 -12.86 10.35
C THR B 110 -25.64 -12.34 10.26
N HIS B 111 -25.03 -12.42 9.08
CA HIS B 111 -23.62 -12.12 8.90
C HIS B 111 -23.36 -10.80 8.18
N LEU B 112 -24.41 -10.02 7.87
CA LEU B 112 -24.22 -8.76 7.17
C LEU B 112 -23.72 -7.67 8.12
N LEU B 113 -22.91 -6.77 7.58
CA LEU B 113 -22.29 -5.70 8.37
C LEU B 113 -23.24 -4.51 8.46
N GLY B 114 -24.28 -4.68 9.27
CA GLY B 114 -25.17 -3.59 9.59
C GLY B 114 -26.24 -3.31 8.56
N ALA B 115 -26.94 -2.20 8.78
CA ALA B 115 -28.10 -1.86 7.96
C ALA B 115 -27.70 -1.44 6.54
N GLY B 116 -26.51 -0.88 6.38
CA GLY B 116 -26.06 -0.48 5.06
C GLY B 116 -25.09 -1.46 4.44
N ALA B 117 -25.29 -2.76 4.73
CA ALA B 117 -24.31 -3.76 4.33
C ALA B 117 -24.30 -4.00 2.83
N ILE B 118 -25.45 -3.95 2.18
CA ILE B 118 -25.56 -4.22 0.75
C ILE B 118 -25.67 -2.89 0.01
N ASN B 119 -24.68 -2.61 -0.85
CA ASN B 119 -24.56 -1.31 -1.51
C ASN B 119 -24.70 -1.52 -3.01
N ARG B 120 -25.77 -0.96 -3.58
CA ARG B 120 -26.14 -1.19 -4.97
C ARG B 120 -25.93 0.04 -5.86
N ASN B 121 -25.34 1.10 -5.32
CA ASN B 121 -25.02 2.28 -6.12
C ASN B 121 -23.86 3.02 -5.46
N SER B 122 -23.38 4.05 -6.15
CA SER B 122 -22.17 4.74 -5.69
C SER B 122 -22.42 5.52 -4.40
N ALA B 123 -23.56 6.20 -4.30
CA ALA B 123 -23.84 6.98 -3.10
C ALA B 123 -23.87 6.12 -1.86
N SER B 124 -24.51 4.95 -1.95
CA SER B 124 -24.54 4.04 -0.81
C SER B 124 -23.14 3.52 -0.49
N LEU B 125 -22.39 3.11 -1.51
CA LEU B 125 -21.08 2.50 -1.29
C LEU B 125 -20.12 3.50 -0.67
N ASP B 126 -20.13 4.76 -1.14
CA ASP B 126 -19.26 5.78 -0.57
C ASP B 126 -19.48 5.92 0.92
N GLU B 127 -20.75 5.98 1.34
CA GLU B 127 -21.07 6.13 2.76
C GLU B 127 -20.60 4.92 3.56
N ALA B 128 -20.84 3.71 3.02
CA ALA B 128 -20.45 2.50 3.74
C ALA B 128 -18.94 2.37 3.84
N VAL B 129 -18.22 2.79 2.81
CA VAL B 129 -16.76 2.61 2.80
C VAL B 129 -16.09 3.59 3.76
N GLN B 130 -16.60 4.82 3.82
CA GLN B 130 -16.09 5.78 4.80
C GLN B 130 -16.31 5.27 6.23
N ALA B 131 -17.52 4.78 6.51
CA ALA B 131 -17.82 4.26 7.84
C ALA B 131 -16.91 3.09 8.19
N LEU B 132 -16.73 2.16 7.24
CA LEU B 132 -15.88 1.00 7.51
C LEU B 132 -14.44 1.41 7.78
N ALA B 133 -13.91 2.32 6.97
CA ALA B 133 -12.52 2.75 7.16
C ALA B 133 -12.32 3.38 8.53
N VAL B 134 -13.29 4.18 8.99
CA VAL B 134 -13.20 4.76 10.32
C VAL B 134 -13.15 3.67 11.39
N ASN B 135 -13.99 2.65 11.24
CA ASN B 135 -14.03 1.58 12.24
C ASN B 135 -12.80 0.70 12.18
N LEU B 136 -12.30 0.42 10.97
CA LEU B 136 -11.12 -0.44 10.84
C LEU B 136 -9.86 0.25 11.35
N LYS B 137 -9.80 1.58 11.28
CA LYS B 137 -8.62 2.31 11.72
C LYS B 137 -8.35 2.12 13.20
N LYS B 138 -9.39 1.86 13.98
CA LYS B 138 -9.24 1.62 15.41
C LYS B 138 -8.53 0.30 15.71
N ARG B 139 -8.37 -0.57 14.71
CA ARG B 139 -7.70 -1.85 14.88
C ARG B 139 -6.22 -1.81 14.53
N LEU B 140 -5.72 -0.68 14.04
CA LEU B 140 -4.32 -0.62 13.62
C LEU B 140 -3.41 -0.84 14.82
N PRO B 141 -2.27 -1.51 14.64
CA PRO B 141 -1.46 -1.92 15.80
C PRO B 141 -0.83 -0.72 16.48
N PRO B 142 -0.85 -0.68 17.81
CA PRO B 142 -0.14 0.37 18.54
C PRO B 142 1.35 0.33 18.28
N THR B 143 2.01 1.45 18.56
CA THR B 143 3.42 1.60 18.23
C THR B 143 4.33 0.76 19.13
N ASP B 144 3.84 0.30 20.28
CA ASP B 144 4.68 -0.29 21.31
C ASP B 144 4.45 -1.79 21.48
N LEU B 145 3.89 -2.46 20.48
CA LEU B 145 3.64 -3.88 20.61
C LEU B 145 4.92 -4.68 20.49
N THR B 146 5.04 -5.72 21.31
CA THR B 146 6.05 -6.74 21.05
C THR B 146 5.71 -7.47 19.77
N THR B 147 6.74 -8.00 19.11
CA THR B 147 6.49 -8.82 17.92
C THR B 147 5.58 -9.99 18.25
N ALA B 148 5.64 -10.49 19.48
CA ALA B 148 4.73 -11.54 19.92
C ALA B 148 3.28 -11.09 19.79
N GLN B 149 2.97 -9.88 20.27
CA GLN B 149 1.60 -9.37 20.16
C GLN B 149 1.25 -9.04 18.71
N LEU B 150 2.21 -8.51 17.95
CA LEU B 150 1.95 -8.11 16.58
C LEU B 150 1.65 -9.31 15.70
N ARG B 151 2.40 -10.40 15.87
CA ARG B 151 2.14 -11.59 15.08
C ARG B 151 0.86 -12.32 15.51
N SER B 152 0.50 -12.26 16.79
CA SER B 152 -0.66 -12.98 17.31
C SER B 152 -1.96 -12.18 17.22
N ARG B 153 -1.90 -10.95 16.70
CA ARG B 153 -3.10 -10.13 16.50
C ARG B 153 -3.91 -9.94 17.78
N SER B 154 -3.22 -9.85 18.91
CA SER B 154 -3.86 -9.92 20.22
C SER B 154 -4.36 -8.58 20.75
N TRP B 155 -4.01 -7.47 20.10
CA TRP B 155 -4.36 -6.16 20.64
C TRP B 155 -5.80 -5.76 20.34
N TRP B 156 -6.50 -6.50 19.49
CA TRP B 156 -7.91 -6.24 19.22
C TRP B 156 -8.63 -7.57 19.05
N SER B 157 -9.93 -7.56 19.35
CA SER B 157 -10.77 -8.74 19.29
C SER B 157 -12.08 -8.37 18.63
N GLY B 158 -12.47 -9.11 17.60
CA GLY B 158 -13.70 -8.83 16.90
C GLY B 158 -13.82 -9.66 15.63
N PHE B 159 -14.86 -9.37 14.86
CA PHE B 159 -15.08 -10.07 13.61
C PHE B 159 -14.11 -9.60 12.54
N ASP B 160 -13.68 -10.53 11.69
CA ASP B 160 -13.06 -10.14 10.43
C ASP B 160 -14.12 -9.59 9.50
N VAL B 161 -13.70 -8.73 8.57
CA VAL B 161 -14.60 -8.11 7.62
C VAL B 161 -14.25 -8.60 6.23
N VAL B 162 -15.25 -9.10 5.50
CA VAL B 162 -15.12 -9.48 4.11
C VAL B 162 -15.79 -8.42 3.26
N LEU B 163 -15.01 -7.76 2.40
CA LEU B 163 -15.53 -6.80 1.43
C LEU B 163 -15.79 -7.56 0.14
N LEU B 164 -17.06 -7.88 -0.11
CA LEU B 164 -17.47 -8.72 -1.24
C LEU B 164 -17.94 -7.80 -2.36
N VAL B 165 -17.14 -7.71 -3.43
CA VAL B 165 -17.29 -6.66 -4.44
C VAL B 165 -17.49 -7.32 -5.79
N ASP B 166 -18.71 -7.21 -6.32
CA ASP B 166 -19.05 -7.75 -7.63
C ASP B 166 -18.97 -6.66 -8.69
N ASP B 167 -18.45 -7.03 -9.86
CA ASP B 167 -18.42 -6.16 -11.04
C ASP B 167 -17.68 -4.85 -10.76
N TRP B 168 -16.40 -5.01 -10.41
CA TRP B 168 -15.55 -3.87 -10.10
C TRP B 168 -15.52 -2.84 -11.24
N HIS B 169 -15.59 -3.32 -12.48
CA HIS B 169 -15.61 -2.43 -13.64
C HIS B 169 -16.77 -1.44 -13.57
N MET B 170 -17.94 -1.89 -13.11
CA MET B 170 -19.08 -1.01 -12.99
C MET B 170 -18.84 0.07 -11.95
N ILE B 171 -18.23 -0.29 -10.83
CA ILE B 171 -17.99 0.66 -9.75
C ILE B 171 -16.97 1.70 -10.17
N VAL B 172 -15.92 1.29 -10.87
CA VAL B 172 -14.95 2.23 -11.40
C VAL B 172 -15.62 3.17 -12.40
N GLY B 173 -16.50 2.63 -13.24
CA GLY B 173 -17.16 3.45 -14.24
C GLY B 173 -18.15 4.43 -13.64
N ALA B 174 -18.93 3.97 -12.64
CA ALA B 174 -19.92 4.83 -12.02
C ALA B 174 -19.33 5.84 -11.04
N ALA B 175 -18.07 5.65 -10.64
CA ALA B 175 -17.41 6.59 -9.73
C ALA B 175 -16.86 7.81 -10.45
N GLY B 176 -17.07 7.94 -11.76
CA GLY B 176 -16.36 8.96 -12.51
C GLY B 176 -14.89 8.65 -12.49
N GLY B 177 -14.07 9.70 -12.37
CA GLY B 177 -12.65 9.50 -12.21
C GLY B 177 -12.26 9.12 -10.80
N MET B 178 -13.09 9.47 -9.82
CA MET B 178 -12.74 9.35 -8.41
C MET B 178 -12.30 7.92 -8.08
N PRO B 179 -11.28 7.75 -7.25
CA PRO B 179 -10.93 6.42 -6.79
C PRO B 179 -12.02 5.83 -5.91
N PRO B 180 -12.64 4.74 -6.33
CA PRO B 180 -13.49 4.00 -5.39
C PRO B 180 -12.60 3.33 -4.35
N MET B 181 -13.15 3.19 -3.14
CA MET B 181 -12.44 2.63 -1.99
C MET B 181 -11.26 3.50 -1.56
N ALA B 182 -11.29 4.79 -1.87
CA ALA B 182 -10.20 5.67 -1.47
C ALA B 182 -9.96 5.70 0.04
N PRO B 183 -10.97 5.74 0.91
CA PRO B 183 -10.68 5.70 2.36
C PRO B 183 -9.99 4.43 2.81
N LEU B 184 -10.16 3.32 2.07
CA LEU B 184 -9.60 2.04 2.47
C LEU B 184 -8.19 1.80 1.96
N ALA B 185 -7.81 2.45 0.86
CA ALA B 185 -6.48 2.23 0.27
C ALA B 185 -5.33 2.32 1.27
N PRO B 186 -5.27 3.29 2.18
CA PRO B 186 -4.16 3.30 3.14
C PRO B 186 -4.18 2.12 4.10
N LEU B 187 -5.35 1.55 4.39
CA LEU B 187 -5.45 0.43 5.30
C LEU B 187 -5.09 -0.91 4.66
N LEU B 188 -5.15 -0.98 3.33
CA LEU B 188 -4.93 -2.26 2.66
C LEU B 188 -3.57 -2.89 2.95
N PRO B 189 -2.46 -2.15 3.10
CA PRO B 189 -1.21 -2.82 3.50
C PRO B 189 -1.30 -3.56 4.82
N ALA B 190 -2.12 -3.07 5.75
CA ALA B 190 -2.28 -3.71 7.05
C ALA B 190 -3.54 -4.59 7.12
N ALA B 191 -4.01 -5.09 5.97
CA ALA B 191 -5.26 -5.83 5.94
C ALA B 191 -5.20 -7.07 6.82
N ALA B 192 -4.09 -7.80 6.79
CA ALA B 192 -3.95 -8.99 7.62
C ALA B 192 -3.98 -8.63 9.10
N ASP B 193 -3.48 -7.46 9.46
CA ASP B 193 -3.41 -7.07 10.86
C ASP B 193 -4.79 -6.69 11.41
N ILE B 194 -5.68 -6.17 10.56
CA ILE B 194 -6.96 -5.66 11.01
C ILE B 194 -8.12 -6.58 10.61
N GLY B 195 -7.83 -7.75 10.05
CA GLY B 195 -8.87 -8.69 9.72
C GLY B 195 -9.71 -8.32 8.51
N LEU B 196 -9.12 -7.61 7.54
CA LEU B 196 -9.83 -7.21 6.34
C LEU B 196 -9.54 -8.19 5.20
N HIS B 197 -10.60 -8.67 4.57
CA HIS B 197 -10.50 -9.48 3.35
C HIS B 197 -11.31 -8.81 2.26
N ILE B 198 -10.72 -8.66 1.08
CA ILE B 198 -11.45 -8.20 -0.10
C ILE B 198 -11.56 -9.37 -1.07
N ILE B 199 -12.77 -9.57 -1.60
CA ILE B 199 -13.06 -10.58 -2.60
C ILE B 199 -13.75 -9.86 -3.74
N VAL B 200 -13.04 -9.70 -4.86
CA VAL B 200 -13.47 -8.81 -5.93
C VAL B 200 -13.57 -9.61 -7.23
N THR B 201 -14.67 -9.39 -7.96
CA THR B 201 -14.80 -9.87 -9.33
C THR B 201 -14.71 -8.69 -10.29
N CYS B 202 -14.22 -8.98 -11.49
CA CYS B 202 -14.04 -7.94 -12.50
C CYS B 202 -14.11 -8.58 -13.87
N GLN B 203 -14.80 -7.92 -14.80
CA GLN B 203 -14.80 -8.38 -16.17
C GLN B 203 -13.37 -8.35 -16.71
N MET B 204 -13.05 -9.34 -17.55
CA MET B 204 -11.66 -9.54 -17.94
C MET B 204 -11.14 -8.40 -18.80
N SER B 205 -12.01 -7.74 -19.57
CA SER B 205 -11.57 -6.66 -20.43
C SER B 205 -11.11 -5.43 -19.65
N GLN B 206 -11.47 -5.34 -18.36
CA GLN B 206 -10.99 -4.26 -17.51
C GLN B 206 -10.04 -4.76 -16.42
N ALA B 207 -9.78 -6.06 -16.37
CA ALA B 207 -9.02 -6.62 -15.26
C ALA B 207 -7.55 -6.19 -15.28
N TYR B 208 -6.97 -6.05 -16.47
CA TYR B 208 -5.58 -5.61 -16.55
C TYR B 208 -5.41 -4.21 -15.97
N LYS B 209 -6.31 -3.30 -16.30
CA LYS B 209 -6.29 -1.97 -15.71
C LYS B 209 -6.48 -2.03 -14.20
N ALA B 210 -7.31 -2.97 -13.74
CA ALA B 210 -7.60 -3.08 -12.31
C ALA B 210 -6.39 -3.55 -11.52
N THR B 211 -5.50 -4.34 -12.13
CA THR B 211 -4.33 -4.81 -11.40
C THR B 211 -3.29 -3.73 -11.17
N MET B 212 -3.54 -2.50 -11.63
CA MET B 212 -2.66 -1.38 -11.35
C MET B 212 -3.39 -0.22 -10.69
N ASP B 213 -4.61 -0.44 -10.20
CA ASP B 213 -5.32 0.60 -9.47
C ASP B 213 -5.04 0.44 -7.97
N LYS B 214 -5.74 1.22 -7.14
CA LYS B 214 -5.42 1.30 -5.72
C LYS B 214 -6.08 0.21 -4.89
N PHE B 215 -7.17 -0.39 -5.37
CA PHE B 215 -7.92 -1.36 -4.59
C PHE B 215 -7.60 -2.78 -5.03
N VAL B 216 -8.07 -3.14 -6.23
CA VAL B 216 -7.75 -4.46 -6.78
C VAL B 216 -6.26 -4.62 -6.95
N GLY B 217 -5.58 -3.58 -7.44
CA GLY B 217 -4.14 -3.68 -7.66
C GLY B 217 -3.36 -3.90 -6.38
N ALA B 218 -3.86 -3.38 -5.26
CA ALA B 218 -3.19 -3.60 -3.98
C ALA B 218 -3.24 -5.07 -3.59
N ALA B 219 -4.40 -5.72 -3.76
CA ALA B 219 -4.50 -7.14 -3.49
C ALA B 219 -3.66 -7.95 -4.47
N PHE B 220 -3.77 -7.62 -5.76
CA PHE B 220 -3.02 -8.36 -6.79
C PHE B 220 -1.52 -8.24 -6.57
N GLY B 221 -1.08 -7.08 -6.16
CA GLY B 221 0.31 -6.76 -5.90
C GLY B 221 0.91 -7.52 -4.76
N SER B 222 0.09 -7.76 -3.78
CA SER B 222 0.29 -8.43 -2.56
C SER B 222 0.38 -9.94 -2.66
N GLY B 223 0.13 -10.52 -3.81
CA GLY B 223 0.15 -11.94 -3.97
C GLY B 223 -1.22 -12.63 -3.76
N ALA B 224 -2.29 -11.88 -3.81
CA ALA B 224 -3.58 -12.49 -3.63
C ALA B 224 -3.84 -13.52 -4.73
N PRO B 225 -4.35 -14.70 -4.39
CA PRO B 225 -4.73 -15.67 -5.43
C PRO B 225 -5.75 -15.07 -6.38
N THR B 226 -5.53 -15.27 -7.67
CA THR B 226 -6.35 -14.66 -8.70
C THR B 226 -6.88 -15.74 -9.63
N MET B 227 -8.20 -15.80 -9.75
CA MET B 227 -8.86 -16.69 -10.70
C MET B 227 -8.94 -16.00 -12.06
N PHE B 228 -8.39 -16.64 -13.08
CA PHE B 228 -8.53 -16.16 -14.45
C PHE B 228 -9.53 -17.07 -15.16
N LEU B 229 -10.80 -16.68 -15.12
CA LEU B 229 -11.85 -17.40 -15.82
C LEU B 229 -11.71 -17.16 -17.33
N SER B 230 -12.76 -17.49 -18.08
CA SER B 230 -12.72 -17.35 -19.53
C SER B 230 -12.43 -15.91 -19.93
N GLY B 231 -11.62 -15.75 -20.98
CA GLY B 231 -11.27 -14.44 -21.46
C GLY B 231 -10.42 -14.54 -22.70
N GLU B 232 -9.92 -13.40 -23.16
CA GLU B 232 -9.10 -13.34 -24.35
C GLU B 232 -7.65 -13.02 -23.98
N LYS B 233 -6.72 -13.58 -24.76
CA LYS B 233 -5.31 -13.62 -24.36
C LYS B 233 -4.74 -12.22 -24.18
N GLN B 234 -4.94 -11.34 -25.17
CA GLN B 234 -4.35 -10.01 -25.12
C GLN B 234 -4.96 -9.13 -24.02
N GLU B 235 -6.04 -9.58 -23.37
CA GLU B 235 -6.65 -8.81 -22.30
C GLU B 235 -5.80 -8.82 -21.03
N PHE B 236 -4.94 -9.81 -20.87
CA PHE B 236 -4.01 -9.85 -19.73
C PHE B 236 -2.63 -10.26 -20.24
N PRO B 237 -1.80 -9.24 -20.59
CA PRO B 237 -0.47 -9.53 -21.06
C PRO B 237 0.23 -10.37 -20.04
N SER B 238 0.76 -11.39 -20.65
CA SER B 238 1.30 -12.54 -20.03
C SER B 238 2.69 -12.68 -19.51
N SER B 239 2.82 -13.11 -18.27
CA SER B 239 4.14 -13.25 -17.73
C SER B 239 4.86 -14.37 -18.46
N GLU B 240 4.14 -15.46 -18.43
CA GLU B 240 4.39 -16.73 -18.99
C GLU B 240 3.05 -17.30 -19.39
N PHE B 241 1.99 -16.93 -18.63
CA PHE B 241 0.71 -17.58 -18.73
C PHE B 241 -0.39 -16.99 -19.57
N LYS B 242 -1.08 -17.89 -20.22
CA LYS B 242 -2.17 -17.66 -21.08
C LYS B 242 -3.62 -17.50 -20.50
N VAL B 243 -4.26 -16.40 -20.78
CA VAL B 243 -5.69 -16.20 -20.63
C VAL B 243 -6.35 -16.72 -21.89
N LYS B 244 -7.37 -17.55 -21.71
CA LYS B 244 -7.99 -18.22 -22.84
C LYS B 244 -9.47 -18.43 -22.55
N ARG B 245 -10.20 -18.81 -23.60
CA ARG B 245 -11.62 -19.11 -23.44
C ARG B 245 -11.79 -20.43 -22.70
N ARG B 246 -12.73 -20.45 -21.76
CA ARG B 246 -12.92 -21.58 -20.87
C ARG B 246 -14.40 -21.79 -20.63
N PRO B 247 -14.81 -23.01 -20.27
CA PRO B 247 -16.18 -23.21 -19.82
C PRO B 247 -16.46 -22.36 -18.60
N PRO B 248 -17.73 -22.00 -18.37
CA PRO B 248 -18.06 -21.22 -17.17
C PRO B 248 -17.60 -21.92 -15.90
N GLY B 249 -17.04 -21.12 -14.99
CA GLY B 249 -16.54 -21.63 -13.73
C GLY B 249 -15.13 -22.20 -13.77
N GLN B 250 -14.60 -22.53 -14.94
CA GLN B 250 -13.25 -23.04 -15.06
C GLN B 250 -12.26 -21.87 -15.08
N ALA B 251 -11.21 -21.96 -14.27
CA ALA B 251 -10.30 -20.84 -14.08
C ALA B 251 -8.87 -21.32 -13.97
N PHE B 252 -7.95 -20.47 -14.43
CA PHE B 252 -6.53 -20.65 -14.17
C PHE B 252 -6.20 -19.88 -12.89
N LEU B 253 -5.93 -20.61 -11.81
CA LEU B 253 -5.68 -20.01 -10.51
C LEU B 253 -4.20 -19.67 -10.38
N VAL B 254 -3.90 -18.40 -10.15
CA VAL B 254 -2.52 -17.92 -10.07
C VAL B 254 -2.30 -17.28 -8.71
N SER B 255 -1.30 -17.77 -8.00
CA SER B 255 -0.80 -17.16 -6.78
C SER B 255 0.69 -17.45 -6.71
N PRO B 256 1.44 -16.74 -5.86
CA PRO B 256 2.83 -17.15 -5.59
C PRO B 256 2.95 -18.60 -5.11
N ASP B 257 1.85 -19.22 -4.71
CA ASP B 257 1.81 -20.63 -4.31
C ASP B 257 1.76 -21.58 -5.50
N GLY B 258 1.68 -21.07 -6.72
CA GLY B 258 1.66 -21.89 -7.91
C GLY B 258 0.58 -21.44 -8.88
N LYS B 259 0.51 -22.15 -10.00
CA LYS B 259 -0.44 -21.86 -11.07
C LYS B 259 -1.08 -23.17 -11.52
N GLU B 260 -2.40 -23.24 -11.44
CA GLU B 260 -3.09 -24.48 -11.78
C GLU B 260 -4.51 -24.20 -12.23
N VAL B 261 -5.06 -25.15 -12.97
CA VAL B 261 -6.45 -25.07 -13.43
C VAL B 261 -7.36 -25.61 -12.33
N ILE B 262 -8.42 -24.87 -12.02
CA ILE B 262 -9.42 -25.29 -11.06
C ILE B 262 -10.80 -25.15 -11.68
N GLN B 263 -11.76 -25.86 -11.09
CA GLN B 263 -13.18 -25.66 -11.39
C GLN B 263 -13.81 -25.03 -10.15
N ALA B 264 -14.22 -23.78 -10.27
CA ALA B 264 -14.74 -23.03 -9.13
C ALA B 264 -16.16 -23.48 -8.78
N PRO B 265 -16.55 -23.36 -7.50
CA PRO B 265 -17.82 -23.95 -7.07
C PRO B 265 -19.04 -23.26 -7.66
N TYR B 266 -20.07 -24.06 -7.91
CA TYR B 266 -21.36 -23.59 -8.39
C TYR B 266 -22.38 -23.68 -7.25
N ILE B 267 -23.33 -22.76 -7.25
CA ILE B 267 -24.40 -22.76 -6.25
C ILE B 267 -25.66 -22.26 -6.92
N GLU B 268 -26.79 -22.90 -6.60
CA GLU B 268 -28.05 -22.59 -7.27
C GLU B 268 -28.53 -21.18 -6.97
#